data_6EDB
#
_entry.id   6EDB
#
_cell.length_a   90.307
_cell.length_b   115.827
_cell.length_c   159.077
_cell.angle_alpha   90.00
_cell.angle_beta   90.00
_cell.angle_gamma   90.00
#
_symmetry.space_group_name_H-M   'I 2 2 2'
#
loop_
_entity.id
_entity.type
_entity.pdbx_description
1 polymer 'Sex-determining region Y protein,Cyclic GMP-AMP synthase'
2 polymer "DNA (5'-D(*CP*GP*AP*TP*CP*CP*GP*GP*GP*AP*TP*CP*TP*AP*AP*AP*CP*AP*AP*TP*G)-3')"
3 polymer "DNA (5'-D(*GP*CP*AP*TP*TP*GP*TP*TP*TP*AP*GP*AP*TP*CP*CP*CP*GP*GP*AP*TP*C)-3')"
4 non-polymer 'ZINC ION'
#
loop_
_entity_poly.entity_id
_entity_poly.type
_entity_poly.pdbx_seq_one_letter_code
_entity_poly.pdbx_strand_id
1 'polypeptide(L)'
;SVQDRVKRPMNAFIVWSRDQRRKMALENPRMRNSEISKQLGYQWKMLTEAEKWPFFQEAQKLQAMHREKYPNYKYRKGET
KKKFKDPNADAAPGASKLRAVLEKLKLSRDDISTAAGMVKGVVDHLLLRLKCDSAFRGVGLLNTGSYYEHVKISAPNEFD
VMFKLEVPRIQLEEYSNTRAYYFVKFKRNPKENPLSQFLEGEILSASKMLSKFRKIIKEEINDIKDTDVIMKRKRGGSPA
VTLLISEKISVDITLALESKSSWPASTQEGLRIQNWLSAKVRKQLRLKPFYLVPKHAKEGNGFQEETWRLSFSHIEKEIL
NNHGKSKTCCENKEEKCCRKDCLKLMKYLLEQLKERFKDKKHLDKFSSYHVKTAFFHVCTQNPQDSQWDRKDLGLCFDNC
VTYFLQCLRTEKLENYFIPEFNLFSSNLIDKRSKEFLTKQIEYERNNEFPVFDEF
;
A,B
2 'polydeoxyribonucleotide'
;(DC)(DG)(DA)(DT)(DC)(DC)(DG)(DG)(DG)(DA)(DT)(DC)(DT)(DA)(DA)(DA)(DC)(DA)(DA)(DT)
(DG)(DC)
;
C
3 'polydeoxyribonucleotide'
;(DG)(DG)(DC)(DA)(DT)(DT)(DG)(DT)(DT)(DT)(DA)(DG)(DA)(DT)(DC)(DC)(DC)(DG)(DG)(DA)
(DT)(DC)
;
D
#
loop_
_chem_comp.id
_chem_comp.type
_chem_comp.name
_chem_comp.formula
DA DNA linking 2'-DEOXYADENOSINE-5'-MONOPHOSPHATE 'C10 H14 N5 O6 P'
DC DNA linking 2'-DEOXYCYTIDINE-5'-MONOPHOSPHATE 'C9 H14 N3 O7 P'
DG DNA linking 2'-DEOXYGUANOSINE-5'-MONOPHOSPHATE 'C10 H14 N5 O7 P'
DT DNA linking THYMIDINE-5'-MONOPHOSPHATE 'C10 H15 N2 O8 P'
ZN non-polymer 'ZINC ION' 'Zn 2'
#
# COMPACT_ATOMS: atom_id res chain seq x y z
N LYS A 97 -15.68 11.88 8.58
CA LYS A 97 -15.08 11.79 9.90
C LYS A 97 -13.56 11.79 9.80
N LEU A 98 -12.96 10.60 9.74
CA LEU A 98 -11.54 10.45 9.51
C LEU A 98 -11.16 10.58 8.05
N ARG A 99 -12.12 10.95 7.19
CA ARG A 99 -11.84 11.15 5.77
C ARG A 99 -10.76 12.21 5.56
N ALA A 100 -10.63 13.16 6.48
CA ALA A 100 -9.62 14.20 6.36
C ALA A 100 -8.22 13.68 6.63
N VAL A 101 -8.08 12.56 7.35
CA VAL A 101 -6.76 12.02 7.64
C VAL A 101 -6.07 11.56 6.35
N LEU A 102 -6.85 11.17 5.34
CA LEU A 102 -6.27 10.72 4.08
C LEU A 102 -5.53 11.85 3.38
N GLU A 103 -5.97 13.10 3.56
CA GLU A 103 -5.29 14.23 2.93
C GLU A 103 -3.87 14.38 3.45
N LYS A 104 -3.62 13.98 4.69
CA LYS A 104 -2.28 13.99 5.26
C LYS A 104 -1.48 12.76 4.89
N LEU A 105 -2.02 11.92 3.98
CA LEU A 105 -1.33 10.72 3.53
C LEU A 105 -1.17 10.64 2.03
N LYS A 106 -1.74 11.56 1.26
CA LYS A 106 -1.63 11.52 -0.19
C LYS A 106 -0.22 11.92 -0.62
N LEU A 107 0.38 11.09 -1.47
CA LEU A 107 1.72 11.38 -1.97
C LEU A 107 1.67 12.55 -2.95
N SER A 108 2.66 13.43 -2.85
CA SER A 108 2.74 14.56 -3.78
C SER A 108 3.05 14.03 -5.18
N ARG A 109 2.31 14.53 -6.17
CA ARG A 109 2.46 14.04 -7.54
C ARG A 109 3.87 14.28 -8.06
N ASP A 110 4.49 15.40 -7.67
CA ASP A 110 5.85 15.67 -8.09
C ASP A 110 6.85 14.82 -7.33
N ASP A 111 6.51 14.40 -6.12
CA ASP A 111 7.41 13.55 -5.34
C ASP A 111 7.51 12.16 -5.95
N ILE A 112 6.37 11.53 -6.24
CA ILE A 112 6.39 10.21 -6.88
C ILE A 112 7.02 10.29 -8.26
N SER A 113 6.83 11.40 -8.96
CA SER A 113 7.35 11.53 -10.32
C SER A 113 8.88 11.57 -10.31
N THR A 114 9.46 12.41 -9.45
CA THR A 114 10.92 12.51 -9.40
C THR A 114 11.55 11.29 -8.75
N ALA A 115 10.90 10.74 -7.72
CA ALA A 115 11.45 9.56 -7.04
C ALA A 115 11.47 8.36 -7.96
N ALA A 116 10.35 8.05 -8.60
CA ALA A 116 10.30 6.93 -9.53
C ALA A 116 11.21 7.15 -10.74
N GLY A 117 11.55 8.40 -11.05
CA GLY A 117 12.47 8.66 -12.14
C GLY A 117 13.88 8.16 -11.84
N MET A 118 14.42 8.56 -10.68
CA MET A 118 15.74 8.09 -10.30
C MET A 118 15.75 6.61 -9.97
N VAL A 119 14.67 6.10 -9.39
CA VAL A 119 14.59 4.66 -9.10
C VAL A 119 14.61 3.86 -10.40
N LYS A 120 13.83 4.28 -11.38
CA LYS A 120 13.83 3.58 -12.66
C LYS A 120 15.19 3.70 -13.35
N GLY A 121 15.82 4.87 -13.27
CA GLY A 121 17.12 5.05 -13.90
C GLY A 121 18.20 4.15 -13.35
N VAL A 122 18.14 3.85 -12.05
CA VAL A 122 19.10 2.93 -11.46
C VAL A 122 18.69 1.49 -11.73
N VAL A 123 17.39 1.20 -11.68
CA VAL A 123 16.93 -0.18 -11.83
C VAL A 123 17.21 -0.69 -13.25
N ASP A 124 16.87 0.11 -14.26
CA ASP A 124 17.03 -0.37 -15.63
C ASP A 124 18.50 -0.59 -15.99
N HIS A 125 19.37 0.34 -15.58
CA HIS A 125 20.80 0.16 -15.81
C HIS A 125 21.33 -1.04 -15.04
N LEU A 126 20.93 -1.18 -13.77
CA LEU A 126 21.30 -2.35 -12.99
C LEU A 126 20.76 -3.62 -13.64
N LEU A 127 19.52 -3.58 -14.12
CA LEU A 127 18.94 -4.73 -14.80
C LEU A 127 19.60 -4.96 -16.15
N LEU A 128 19.93 -3.89 -16.87
CA LEU A 128 20.62 -4.02 -18.15
C LEU A 128 21.98 -4.65 -17.98
N ARG A 129 22.77 -4.15 -17.03
CA ARG A 129 24.10 -4.71 -16.82
C ARG A 129 24.04 -6.11 -16.24
N LEU A 130 22.97 -6.43 -15.51
CA LEU A 130 22.71 -7.81 -15.09
C LEU A 130 22.47 -8.67 -16.32
N LYS A 131 22.23 -9.96 -16.13
CA LYS A 131 21.81 -10.89 -17.19
C LYS A 131 22.88 -11.04 -18.28
N CYS A 132 24.13 -11.17 -17.87
CA CYS A 132 25.25 -11.43 -18.79
C CYS A 132 25.76 -12.86 -18.59
N ASP A 133 24.89 -13.83 -18.88
CA ASP A 133 25.27 -15.25 -18.94
C ASP A 133 25.82 -15.76 -17.61
N SER A 134 25.51 -15.06 -16.52
CA SER A 134 25.66 -15.62 -15.17
C SER A 134 24.47 -16.46 -14.77
N ALA A 135 23.76 -17.04 -15.76
CA ALA A 135 22.47 -17.70 -15.61
C ALA A 135 21.39 -16.69 -15.24
N PHE A 136 21.76 -15.42 -15.15
CA PHE A 136 20.82 -14.34 -14.95
C PHE A 136 20.25 -13.80 -16.26
N ARG A 137 20.68 -14.35 -17.41
CA ARG A 137 20.33 -13.78 -18.70
C ARG A 137 18.83 -13.59 -18.90
N GLY A 138 18.01 -14.33 -18.16
CA GLY A 138 16.58 -14.18 -18.28
C GLY A 138 15.91 -13.52 -17.09
N VAL A 139 16.63 -12.67 -16.36
CA VAL A 139 16.02 -11.98 -15.24
C VAL A 139 14.94 -11.03 -15.73
N GLY A 140 13.82 -11.03 -15.02
CA GLY A 140 12.74 -10.11 -15.33
C GLY A 140 12.43 -9.21 -14.14
N LEU A 141 11.73 -8.11 -14.39
CA LEU A 141 11.36 -7.17 -13.35
C LEU A 141 9.94 -7.45 -12.89
N LEU A 142 9.74 -7.49 -11.58
CA LEU A 142 8.41 -7.66 -10.99
C LEU A 142 8.20 -6.53 -9.99
N ASN A 143 7.19 -5.70 -10.24
CA ASN A 143 6.90 -4.54 -9.41
C ASN A 143 5.86 -4.91 -8.36
N THR A 144 6.29 -4.89 -7.09
CA THR A 144 5.43 -5.22 -5.96
C THR A 144 5.62 -4.16 -4.88
N GLY A 145 4.95 -4.35 -3.76
CA GLY A 145 5.06 -3.47 -2.61
C GLY A 145 3.85 -2.56 -2.46
N SER A 146 3.88 -1.78 -1.39
CA SER A 146 2.78 -0.88 -1.07
C SER A 146 2.61 0.25 -2.08
N TYR A 147 3.62 0.50 -2.92
CA TYR A 147 3.52 1.58 -3.90
C TYR A 147 2.70 1.17 -5.11
N TYR A 148 3.13 0.11 -5.80
CA TYR A 148 2.43 -0.33 -7.00
C TYR A 148 1.03 -0.87 -6.69
N GLU A 149 0.77 -1.25 -5.44
CA GLU A 149 -0.57 -1.60 -5.01
C GLU A 149 -1.40 -0.38 -4.64
N HIS A 150 -0.84 0.82 -4.80
CA HIS A 150 -1.56 2.08 -4.57
C HIS A 150 -2.00 2.24 -3.13
N VAL A 151 -1.15 1.81 -2.19
CA VAL A 151 -1.45 1.97 -0.77
C VAL A 151 -0.26 2.58 -0.05
N LYS A 152 0.68 3.13 -0.80
CA LYS A 152 1.82 3.82 -0.19
C LYS A 152 1.34 5.09 0.51
N ILE A 153 1.90 5.34 1.69
CA ILE A 153 1.49 6.45 2.53
C ILE A 153 2.70 7.35 2.82
N SER A 154 2.42 8.50 3.42
CA SER A 154 3.43 9.47 3.86
C SER A 154 4.18 9.97 2.64
N ALA A 155 5.49 9.77 2.52
CA ALA A 155 6.25 10.21 1.38
C ALA A 155 6.84 9.02 0.62
N PRO A 156 6.87 9.07 -0.71
CA PRO A 156 7.43 7.95 -1.47
C PRO A 156 8.94 7.88 -1.40
N ASN A 157 9.47 7.28 -0.33
CA ASN A 157 10.90 7.16 -0.13
C ASN A 157 11.38 5.72 -0.14
N GLU A 158 10.47 4.74 -0.26
CA GLU A 158 10.83 3.33 -0.24
C GLU A 158 10.19 2.63 -1.42
N PHE A 159 10.91 1.69 -2.02
CA PHE A 159 10.42 0.90 -3.14
C PHE A 159 10.71 -0.57 -2.91
N ASP A 160 9.84 -1.42 -3.46
CA ASP A 160 9.97 -2.88 -3.36
C ASP A 160 10.07 -3.45 -4.76
N VAL A 161 11.30 -3.53 -5.26
CA VAL A 161 11.58 -4.05 -6.60
C VAL A 161 12.01 -5.50 -6.47
N MET A 162 11.45 -6.37 -7.32
CA MET A 162 11.74 -7.79 -7.30
C MET A 162 12.33 -8.22 -8.64
N PHE A 163 13.43 -8.98 -8.59
CA PHE A 163 14.04 -9.57 -9.77
C PHE A 163 13.70 -11.05 -9.80
N LYS A 164 13.20 -11.53 -10.94
CA LYS A 164 12.74 -12.91 -11.06
C LYS A 164 13.62 -13.68 -12.02
N LEU A 165 13.68 -15.00 -11.82
CA LEU A 165 14.43 -15.91 -12.66
C LEU A 165 13.51 -17.02 -13.12
N GLU A 166 13.37 -17.17 -14.44
CA GLU A 166 12.53 -18.22 -15.01
C GLU A 166 13.34 -19.52 -15.10
N VAL A 167 13.56 -20.12 -13.94
CA VAL A 167 14.29 -21.38 -13.84
C VAL A 167 13.30 -22.52 -13.98
N PRO A 168 13.44 -23.39 -14.99
CA PRO A 168 12.42 -24.41 -15.24
C PRO A 168 12.74 -25.77 -14.62
N ARG A 169 11.74 -26.65 -14.57
CA ARG A 169 11.90 -28.03 -14.12
C ARG A 169 12.53 -28.11 -12.74
N ILE A 170 11.87 -27.48 -11.78
CA ILE A 170 12.34 -27.45 -10.39
C ILE A 170 11.45 -28.37 -9.56
N GLN A 171 12.08 -29.26 -8.81
CA GLN A 171 11.40 -30.10 -7.83
C GLN A 171 11.63 -29.51 -6.45
N LEU A 172 10.56 -29.33 -5.69
CA LEU A 172 10.64 -28.72 -4.37
C LEU A 172 10.39 -29.76 -3.30
N GLU A 173 11.27 -29.81 -2.31
CA GLU A 173 11.14 -30.72 -1.17
C GLU A 173 10.83 -29.89 0.05
N GLU A 174 9.70 -30.18 0.69
CA GLU A 174 9.27 -29.39 1.84
C GLU A 174 10.24 -29.52 2.99
N TYR A 175 10.67 -28.38 3.54
CA TYR A 175 11.59 -28.38 4.67
C TYR A 175 10.82 -28.74 5.94
N SER A 176 11.20 -29.86 6.56
CA SER A 176 10.59 -30.36 7.80
C SER A 176 9.08 -30.47 7.54
N ASN A 177 8.24 -29.85 8.37
CA ASN A 177 6.81 -29.77 8.12
C ASN A 177 6.30 -28.37 8.43
N THR A 178 7.14 -27.42 8.05
CA THR A 178 6.90 -25.99 8.19
C THR A 178 5.75 -25.46 7.35
N ARG A 179 5.59 -26.06 6.17
CA ARG A 179 4.56 -25.78 5.15
C ARG A 179 4.78 -24.51 4.38
N ALA A 180 5.95 -23.91 4.53
CA ALA A 180 6.23 -22.67 3.82
C ALA A 180 7.67 -22.58 3.33
N TYR A 181 8.65 -23.16 4.02
CA TYR A 181 10.04 -23.09 3.62
C TYR A 181 10.41 -24.37 2.87
N TYR A 182 11.22 -24.23 1.83
CA TYR A 182 11.38 -25.31 0.85
C TYR A 182 12.81 -25.43 0.38
N PHE A 183 13.22 -26.67 0.11
CA PHE A 183 14.44 -26.96 -0.61
C PHE A 183 14.18 -26.87 -2.11
N VAL A 184 15.07 -26.19 -2.83
CA VAL A 184 15.01 -26.15 -4.28
C VAL A 184 15.87 -27.27 -4.83
N LYS A 185 15.23 -28.34 -5.30
CA LYS A 185 15.88 -29.44 -5.98
C LYS A 185 15.57 -29.35 -7.47
N PHE A 186 16.25 -30.18 -8.25
CA PHE A 186 16.05 -30.20 -9.69
C PHE A 186 15.51 -31.55 -10.13
N LYS A 187 14.53 -31.52 -11.02
CA LYS A 187 13.73 -32.71 -11.32
C LYS A 187 14.52 -33.74 -12.12
N ARG A 188 15.21 -33.27 -13.15
CA ARG A 188 16.00 -34.16 -13.98
C ARG A 188 17.41 -33.62 -14.29
N ASN A 189 18.32 -34.57 -14.40
CA ASN A 189 19.75 -34.36 -14.66
C ASN A 189 20.27 -33.79 -15.98
N PRO A 190 19.68 -34.20 -17.10
CA PRO A 190 20.17 -33.87 -18.45
C PRO A 190 20.29 -32.45 -19.02
N LYS A 191 19.34 -31.57 -18.73
CA LYS A 191 19.28 -30.29 -19.42
C LYS A 191 20.40 -29.31 -19.06
N GLU A 192 21.13 -29.56 -17.98
CA GLU A 192 22.13 -28.58 -17.56
C GLU A 192 21.45 -27.25 -17.24
N ASN A 193 20.67 -27.21 -16.15
CA ASN A 193 19.92 -26.03 -15.70
C ASN A 193 20.85 -24.83 -15.49
N PRO A 194 20.37 -23.63 -15.80
CA PRO A 194 21.29 -22.47 -15.80
C PRO A 194 21.97 -22.24 -14.45
N LEU A 195 21.25 -22.43 -13.36
CA LEU A 195 21.82 -22.25 -12.02
C LEU A 195 22.58 -23.49 -11.53
N SER A 196 23.07 -24.34 -12.44
CA SER A 196 23.78 -25.55 -12.03
C SER A 196 25.07 -25.22 -11.29
N GLN A 197 25.75 -24.14 -11.68
CA GLN A 197 26.94 -23.71 -10.95
C GLN A 197 26.61 -23.35 -9.50
N PHE A 198 25.35 -23.04 -9.23
CA PHE A 198 24.90 -22.73 -7.87
C PHE A 198 24.35 -23.96 -7.15
N LEU A 199 24.28 -25.11 -7.83
CA LEU A 199 23.85 -26.34 -7.17
C LEU A 199 24.94 -26.82 -6.22
N GLU A 200 24.55 -27.05 -4.95
CA GLU A 200 25.48 -27.66 -4.00
C GLU A 200 25.63 -29.15 -4.27
N GLY A 201 24.61 -29.93 -3.91
CA GLY A 201 24.54 -31.33 -4.29
C GLY A 201 23.35 -31.54 -5.21
N GLU A 202 22.17 -31.69 -4.61
CA GLU A 202 20.91 -31.62 -5.33
C GLU A 202 20.07 -30.43 -4.90
N ILE A 203 20.61 -29.57 -4.05
CA ILE A 203 19.92 -28.39 -3.56
C ILE A 203 20.62 -27.15 -4.10
N LEU A 204 19.84 -26.10 -4.32
CA LEU A 204 20.34 -24.87 -4.90
C LEU A 204 20.86 -23.93 -3.82
N SER A 205 22.01 -23.31 -4.08
CA SER A 205 22.65 -22.44 -3.10
C SER A 205 21.92 -21.11 -3.04
N ALA A 206 21.07 -20.96 -2.03
CA ALA A 206 20.40 -19.68 -1.79
C ALA A 206 21.36 -18.61 -1.27
N SER A 207 22.58 -18.98 -0.89
CA SER A 207 23.56 -18.06 -0.35
C SER A 207 24.61 -17.65 -1.37
N LYS A 208 25.14 -18.64 -2.10
CA LYS A 208 26.18 -18.40 -3.14
C LYS A 208 25.61 -17.56 -4.28
N MET A 209 24.38 -17.88 -4.73
CA MET A 209 23.72 -17.14 -5.80
C MET A 209 23.34 -15.74 -5.34
N LEU A 210 22.90 -15.60 -4.09
CA LEU A 210 22.52 -14.29 -3.58
C LEU A 210 23.73 -13.40 -3.35
N SER A 211 24.87 -13.98 -2.98
CA SER A 211 26.08 -13.18 -2.80
C SER A 211 26.66 -12.75 -4.15
N LYS A 212 26.56 -13.65 -5.13
CA LYS A 212 26.98 -13.35 -6.51
C LYS A 212 26.09 -12.22 -7.03
N PHE A 213 24.79 -12.28 -6.71
CA PHE A 213 23.82 -11.27 -7.13
C PHE A 213 24.18 -9.90 -6.56
N ARG A 214 24.46 -9.85 -5.26
CA ARG A 214 24.92 -8.60 -4.66
C ARG A 214 26.27 -8.18 -5.20
N LYS A 215 27.12 -9.14 -5.56
CA LYS A 215 28.44 -8.82 -6.10
C LYS A 215 28.32 -8.06 -7.42
N ILE A 216 27.48 -8.55 -8.33
CA ILE A 216 27.30 -7.88 -9.61
C ILE A 216 26.73 -6.48 -9.40
N ILE A 217 25.81 -6.33 -8.44
CA ILE A 217 25.19 -5.03 -8.19
C ILE A 217 26.20 -4.06 -7.60
N LYS A 218 26.94 -4.49 -6.58
CA LYS A 218 27.91 -3.61 -5.94
C LYS A 218 29.02 -3.20 -6.91
N GLU A 219 29.37 -4.07 -7.86
CA GLU A 219 30.38 -3.73 -8.85
C GLU A 219 29.95 -2.55 -9.70
N GLU A 220 28.68 -2.53 -10.12
CA GLU A 220 28.22 -1.61 -11.15
C GLU A 220 27.56 -0.35 -10.60
N ILE A 221 27.11 -0.36 -9.34
CA ILE A 221 26.58 0.87 -8.77
C ILE A 221 27.69 1.90 -8.63
N ASN A 222 28.93 1.46 -8.42
CA ASN A 222 30.05 2.38 -8.31
C ASN A 222 30.38 3.00 -9.67
N ASP A 223 30.32 2.20 -10.74
CA ASP A 223 30.70 2.68 -12.06
C ASP A 223 29.83 3.85 -12.50
N ILE A 224 28.50 3.72 -12.32
CA ILE A 224 27.60 4.80 -12.69
C ILE A 224 27.82 5.96 -11.73
N LYS A 225 27.99 7.16 -12.30
CA LYS A 225 28.19 8.37 -11.51
C LYS A 225 27.12 9.40 -11.77
N ASP A 226 26.07 9.03 -12.51
CA ASP A 226 24.97 9.95 -12.77
C ASP A 226 24.22 10.30 -11.49
N THR A 227 24.13 9.35 -10.55
CA THR A 227 23.38 9.54 -9.32
C THR A 227 24.17 8.99 -8.15
N ASP A 228 24.22 9.76 -7.06
CA ASP A 228 24.88 9.30 -5.85
C ASP A 228 24.18 8.04 -5.32
N VAL A 229 24.95 6.97 -5.16
CA VAL A 229 24.41 5.67 -4.76
C VAL A 229 25.29 5.08 -3.67
N ILE A 230 24.67 4.65 -2.57
CA ILE A 230 25.36 3.96 -1.48
C ILE A 230 24.60 2.67 -1.20
N MET A 231 25.31 1.55 -1.19
CA MET A 231 24.69 0.26 -0.89
C MET A 231 24.66 0.08 0.61
N LYS A 232 23.46 0.05 1.19
CA LYS A 232 23.31 -0.26 2.60
C LYS A 232 23.83 -1.66 2.88
N ARG A 233 24.53 -1.80 4.01
CA ARG A 233 25.04 -3.10 4.42
C ARG A 233 23.90 -4.11 4.53
N LYS A 234 24.20 -5.34 4.12
CA LYS A 234 23.14 -6.36 4.20
C LYS A 234 22.81 -6.47 5.68
N ARG A 235 21.55 -6.22 6.00
CA ARG A 235 21.01 -6.31 7.39
C ARG A 235 20.99 -7.78 7.84
N GLY A 236 21.36 -8.03 9.08
CA GLY A 236 21.39 -9.38 9.63
C GLY A 236 20.15 -10.18 9.29
N GLY A 237 20.29 -11.12 8.36
CA GLY A 237 19.18 -11.91 7.89
C GLY A 237 18.69 -11.51 6.52
N SER A 238 18.42 -10.20 6.35
CA SER A 238 17.84 -9.60 5.14
C SER A 238 18.33 -10.24 3.86
N PRO A 239 17.43 -10.79 3.04
CA PRO A 239 17.82 -11.33 1.74
C PRO A 239 17.87 -10.30 0.62
N ALA A 240 17.62 -9.03 0.93
CA ALA A 240 17.47 -8.00 -0.08
C ALA A 240 18.71 -7.11 -0.14
N VAL A 241 18.98 -6.58 -1.32
CA VAL A 241 20.03 -5.60 -1.53
C VAL A 241 19.39 -4.22 -1.40
N THR A 242 19.63 -3.55 -0.28
CA THR A 242 19.02 -2.26 0.00
C THR A 242 19.92 -1.15 -0.53
N LEU A 243 19.51 -0.53 -1.63
CA LEU A 243 20.24 0.60 -2.19
C LEU A 243 19.67 1.91 -1.65
N LEU A 244 20.56 2.84 -1.47
CA LEU A 244 20.18 4.10 -0.96
C LEU A 244 20.67 5.05 -1.98
N ILE A 245 19.74 5.77 -2.56
CA ILE A 245 20.06 6.83 -3.52
C ILE A 245 20.33 8.13 -2.73
N SER A 246 20.78 9.18 -3.39
CA SER A 246 21.04 10.42 -2.71
C SER A 246 19.76 10.90 -2.09
N GLU A 247 19.82 11.33 -0.84
CA GLU A 247 18.65 11.83 -0.15
C GLU A 247 17.44 10.89 -0.16
N LYS A 248 17.59 9.79 0.58
CA LYS A 248 16.62 8.70 0.74
C LYS A 248 16.32 7.90 -0.52
N ILE A 249 15.04 7.71 -0.84
CA ILE A 249 14.64 6.91 -1.98
C ILE A 249 15.27 5.54 -1.92
N SER A 250 15.16 4.88 -0.79
CA SER A 250 15.71 3.56 -0.65
C SER A 250 15.01 2.58 -1.58
N VAL A 251 15.76 1.62 -2.09
CA VAL A 251 15.24 0.62 -3.02
C VAL A 251 15.60 -0.75 -2.47
N ASP A 252 14.58 -1.57 -2.21
CA ASP A 252 14.78 -2.94 -1.73
C ASP A 252 14.64 -3.91 -2.89
N ILE A 253 15.72 -4.63 -3.20
CA ILE A 253 15.76 -5.56 -4.32
C ILE A 253 15.84 -6.97 -3.77
N THR A 254 14.85 -7.79 -4.09
CA THR A 254 14.80 -9.18 -3.65
C THR A 254 14.91 -10.09 -4.86
N LEU A 255 15.99 -10.87 -4.93
CA LEU A 255 16.13 -11.87 -5.98
C LEU A 255 15.12 -12.98 -5.77
N ALA A 256 14.40 -13.33 -6.84
CA ALA A 256 13.34 -14.32 -6.77
C ALA A 256 13.46 -15.32 -7.91
N LEU A 257 12.95 -16.52 -7.68
CA LEU A 257 12.90 -17.57 -8.69
C LEU A 257 11.45 -17.78 -9.11
N GLU A 258 11.17 -17.60 -10.40
CA GLU A 258 9.83 -17.78 -10.92
C GLU A 258 9.62 -19.25 -11.28
N SER A 259 8.50 -19.80 -10.83
CA SER A 259 8.15 -21.20 -11.07
C SER A 259 6.79 -21.26 -11.76
N LYS A 260 6.79 -21.57 -13.05
CA LYS A 260 5.54 -21.72 -13.79
C LYS A 260 4.86 -23.06 -13.53
N SER A 261 5.45 -23.92 -12.72
CA SER A 261 4.80 -25.16 -12.33
C SER A 261 3.63 -24.85 -11.39
N SER A 262 2.75 -25.83 -11.23
CA SER A 262 1.57 -25.65 -10.40
C SER A 262 1.97 -25.40 -8.94
N TRP A 263 1.07 -24.76 -8.21
CA TRP A 263 1.33 -24.45 -6.82
C TRP A 263 1.41 -25.73 -5.98
N PRO A 264 1.89 -25.54 -4.79
CA PRO A 264 2.00 -26.60 -3.82
C PRO A 264 0.78 -26.97 -2.96
N ALA A 265 1.07 -28.09 -2.33
CA ALA A 265 0.16 -28.74 -1.42
C ALA A 265 -0.18 -27.83 -0.27
N SER A 266 0.77 -27.04 0.23
CA SER A 266 0.49 -26.10 1.30
C SER A 266 -0.56 -25.07 0.87
N THR A 267 -0.55 -24.62 -0.37
CA THR A 267 -1.52 -23.66 -0.86
C THR A 267 -2.83 -24.27 -1.32
N GLN A 268 -3.00 -25.58 -1.19
CA GLN A 268 -4.27 -26.17 -1.61
C GLN A 268 -5.60 -25.64 -0.96
N GLU A 269 -5.68 -25.36 0.33
CA GLU A 269 -6.88 -24.78 0.93
C GLU A 269 -6.80 -23.27 1.11
N GLY A 270 -5.65 -22.65 0.85
CA GLY A 270 -5.51 -21.22 0.94
C GLY A 270 -6.23 -20.51 -0.19
N LEU A 271 -6.08 -19.19 -0.22
CA LEU A 271 -6.71 -18.34 -1.22
C LEU A 271 -8.21 -18.60 -1.30
N ARG A 272 -8.84 -18.71 -0.14
CA ARG A 272 -10.28 -19.01 -0.06
C ARG A 272 -11.07 -17.75 -0.45
N ILE A 273 -11.04 -17.44 -1.75
CA ILE A 273 -11.78 -16.32 -2.30
C ILE A 273 -12.70 -16.81 -3.41
N GLN A 274 -13.75 -17.51 -3.03
CA GLN A 274 -14.70 -18.06 -4.00
C GLN A 274 -15.99 -17.25 -4.04
N ASN A 275 -16.56 -16.95 -2.87
CA ASN A 275 -17.70 -16.05 -2.81
C ASN A 275 -17.28 -14.62 -3.13
N TRP A 276 -16.13 -14.21 -2.61
CA TRP A 276 -15.49 -12.98 -3.08
C TRP A 276 -14.76 -13.26 -4.38
N LEU A 277 -14.74 -12.25 -5.25
CA LEU A 277 -14.16 -12.40 -6.58
C LEU A 277 -14.87 -13.54 -7.31
N SER A 278 -14.18 -14.65 -7.54
CA SER A 278 -14.83 -15.74 -8.25
C SER A 278 -14.05 -17.03 -8.05
N ALA A 279 -14.77 -18.16 -8.13
CA ALA A 279 -14.10 -19.45 -8.22
C ALA A 279 -13.39 -19.59 -9.56
N LYS A 280 -13.93 -18.91 -10.57
CA LYS A 280 -13.31 -18.84 -11.88
C LYS A 280 -12.01 -18.05 -11.77
N VAL A 281 -12.04 -16.97 -10.98
CA VAL A 281 -10.87 -16.11 -10.79
C VAL A 281 -9.76 -16.87 -10.07
N ARG A 282 -10.12 -17.69 -9.09
CA ARG A 282 -9.10 -18.47 -8.37
C ARG A 282 -8.31 -19.35 -9.32
N LYS A 283 -9.02 -20.11 -10.17
CA LYS A 283 -8.34 -20.93 -11.17
C LYS A 283 -7.47 -20.06 -12.08
N GLN A 284 -8.04 -18.98 -12.60
CA GLN A 284 -7.26 -18.04 -13.40
C GLN A 284 -6.06 -17.52 -12.62
N LEU A 285 -6.22 -17.31 -11.32
CA LEU A 285 -5.15 -16.76 -10.50
C LEU A 285 -4.13 -17.82 -10.10
N ARG A 286 -4.57 -19.07 -9.89
CA ARG A 286 -3.64 -20.11 -9.44
C ARG A 286 -2.69 -20.53 -10.55
N LEU A 287 -3.12 -20.45 -11.81
CA LEU A 287 -2.25 -20.86 -12.90
C LEU A 287 -1.02 -19.97 -13.02
N LYS A 288 -1.12 -18.72 -12.56
CA LYS A 288 -0.01 -17.81 -12.60
C LYS A 288 1.15 -18.35 -11.74
N PRO A 289 2.39 -18.05 -12.09
CA PRO A 289 3.52 -18.66 -11.40
C PRO A 289 3.63 -18.21 -9.95
N PHE A 290 4.30 -19.04 -9.15
CA PHE A 290 4.67 -18.68 -7.78
C PHE A 290 6.18 -18.45 -7.72
N TYR A 291 6.60 -17.64 -6.76
CA TYR A 291 7.97 -17.16 -6.69
C TYR A 291 8.66 -17.66 -5.43
N LEU A 292 9.98 -17.71 -5.50
CA LEU A 292 10.82 -18.21 -4.41
C LEU A 292 11.84 -17.15 -4.05
N VAL A 293 11.80 -16.71 -2.79
CA VAL A 293 12.73 -15.70 -2.28
C VAL A 293 13.49 -16.33 -1.12
N PRO A 294 14.77 -16.01 -0.92
CA PRO A 294 15.50 -16.57 0.22
C PRO A 294 14.83 -16.24 1.54
N LYS A 295 15.00 -17.13 2.51
CA LYS A 295 14.38 -16.93 3.82
C LYS A 295 14.91 -15.65 4.46
N HIS A 296 14.02 -14.90 5.11
CA HIS A 296 14.34 -13.54 5.51
C HIS A 296 15.23 -13.50 6.75
N ALA A 297 15.03 -14.38 7.71
CA ALA A 297 15.71 -14.25 8.98
C ALA A 297 16.07 -15.63 9.54
N LYS A 298 16.87 -15.61 10.60
CA LYS A 298 17.30 -16.85 11.23
C LYS A 298 16.13 -17.56 11.89
N GLU A 299 16.16 -18.89 11.83
CA GLU A 299 15.19 -19.72 12.53
C GLU A 299 15.80 -21.10 12.70
N GLY A 300 15.79 -21.60 13.93
CA GLY A 300 16.51 -22.83 14.23
C GLY A 300 17.95 -22.54 14.58
N ASN A 301 18.86 -23.45 14.19
CA ASN A 301 20.27 -23.27 14.50
C ASN A 301 20.89 -22.09 13.75
N GLY A 302 20.29 -21.67 12.64
CA GLY A 302 20.86 -20.64 11.80
C GLY A 302 21.60 -21.16 10.59
N PHE A 303 21.80 -22.47 10.49
CA PHE A 303 22.41 -23.10 9.33
C PHE A 303 21.33 -23.82 8.53
N GLN A 304 21.77 -24.58 7.52
CA GLN A 304 20.87 -25.17 6.54
C GLN A 304 20.03 -24.08 5.87
N GLU A 305 20.69 -22.95 5.57
CA GLU A 305 20.01 -21.76 5.07
C GLU A 305 19.51 -21.90 3.65
N GLU A 306 19.61 -23.09 3.06
CA GLU A 306 19.16 -23.24 1.67
C GLU A 306 17.66 -23.32 1.54
N THR A 307 16.92 -23.03 2.60
CA THR A 307 15.47 -22.98 2.51
C THR A 307 15.03 -21.74 1.73
N TRP A 308 13.88 -21.86 1.06
CA TRP A 308 13.30 -20.77 0.30
C TRP A 308 11.88 -20.50 0.80
N ARG A 309 11.47 -19.24 0.71
CA ARG A 309 10.13 -18.83 1.13
C ARG A 309 9.26 -18.60 -0.10
N LEU A 310 8.04 -19.13 -0.05
CA LEU A 310 7.07 -18.85 -1.12
C LEU A 310 6.67 -17.38 -1.08
N SER A 311 6.47 -16.79 -2.25
CA SER A 311 6.09 -15.40 -2.37
C SER A 311 4.96 -15.28 -3.39
N PHE A 312 3.87 -14.65 -2.99
CA PHE A 312 2.74 -14.36 -3.86
C PHE A 312 2.45 -12.88 -3.89
N SER A 313 3.52 -12.07 -3.94
CA SER A 313 3.36 -10.62 -3.94
C SER A 313 2.63 -10.14 -5.18
N HIS A 314 2.91 -10.76 -6.33
CA HIS A 314 2.18 -10.42 -7.54
C HIS A 314 0.70 -10.79 -7.42
N ILE A 315 0.39 -11.83 -6.66
CA ILE A 315 -1.01 -12.19 -6.44
C ILE A 315 -1.71 -11.13 -5.61
N GLU A 316 -1.05 -10.65 -4.55
CA GLU A 316 -1.63 -9.59 -3.72
C GLU A 316 -1.84 -8.32 -4.52
N LYS A 317 -1.01 -8.07 -5.52
CA LYS A 317 -1.16 -6.86 -6.34
C LYS A 317 -2.38 -6.97 -7.25
N GLU A 318 -2.60 -8.14 -7.85
CA GLU A 318 -3.69 -8.30 -8.80
C GLU A 318 -5.04 -8.15 -8.13
N ILE A 319 -5.25 -8.86 -7.01
CA ILE A 319 -6.56 -8.81 -6.36
C ILE A 319 -6.81 -7.45 -5.72
N LEU A 320 -5.76 -6.72 -5.36
CA LEU A 320 -5.96 -5.38 -4.84
C LEU A 320 -6.38 -4.42 -5.94
N ASN A 321 -5.79 -4.53 -7.13
CA ASN A 321 -6.12 -3.67 -8.25
C ASN A 321 -7.41 -4.05 -8.97
N ASN A 322 -7.96 -5.26 -8.68
CA ASN A 322 -9.28 -5.69 -9.15
C ASN A 322 -9.96 -6.41 -7.97
N HIS A 323 -10.53 -5.62 -7.07
CA HIS A 323 -10.85 -6.05 -5.71
C HIS A 323 -12.34 -6.28 -5.47
N GLY A 324 -13.17 -5.93 -6.44
CA GLY A 324 -14.61 -5.89 -6.24
C GLY A 324 -15.28 -7.17 -6.65
N LYS A 325 -16.29 -7.52 -5.87
CA LYS A 325 -17.13 -8.66 -6.22
C LYS A 325 -17.83 -8.42 -7.56
N SER A 326 -18.40 -7.23 -7.75
CA SER A 326 -18.75 -6.78 -9.08
C SER A 326 -17.50 -6.32 -9.79
N LYS A 327 -17.46 -6.53 -11.11
CA LYS A 327 -16.24 -6.25 -11.84
C LYS A 327 -15.93 -4.76 -11.87
N THR A 328 -16.98 -3.91 -11.83
CA THR A 328 -16.81 -2.44 -11.92
C THR A 328 -16.70 -1.72 -10.60
N CYS A 329 -16.44 -2.41 -9.51
CA CYS A 329 -16.23 -1.66 -8.27
C CYS A 329 -15.07 -0.71 -8.47
N CYS A 330 -15.28 0.57 -8.12
CA CYS A 330 -14.31 1.66 -8.29
C CYS A 330 -14.15 2.11 -9.73
N GLU A 331 -14.84 1.50 -10.70
CA GLU A 331 -14.80 2.03 -12.06
C GLU A 331 -15.45 3.41 -12.14
N ASN A 332 -16.56 3.60 -11.44
CA ASN A 332 -17.33 4.84 -11.47
C ASN A 332 -17.48 5.38 -10.05
N LYS A 333 -17.87 6.65 -9.97
CA LYS A 333 -18.07 7.28 -8.67
C LYS A 333 -19.09 6.50 -7.84
N GLU A 334 -20.21 6.11 -8.45
CA GLU A 334 -21.19 5.29 -7.77
C GLU A 334 -20.56 3.95 -7.38
N GLU A 335 -20.76 3.57 -6.11
CA GLU A 335 -20.31 2.28 -5.54
C GLU A 335 -18.79 2.22 -5.35
N LYS A 336 -18.12 3.36 -5.27
CA LYS A 336 -16.72 3.36 -4.88
C LYS A 336 -16.56 2.64 -3.54
N CYS A 337 -15.66 1.66 -3.51
CA CYS A 337 -15.41 0.88 -2.30
C CYS A 337 -14.35 1.58 -1.45
N CYS A 338 -14.46 1.38 -0.14
CA CYS A 338 -13.49 1.91 0.82
C CYS A 338 -12.38 0.90 1.16
N ARG A 339 -12.36 -0.25 0.47
CA ARG A 339 -11.39 -1.30 0.75
C ARG A 339 -9.96 -0.77 0.93
N LYS A 340 -9.42 -0.12 -0.10
CA LYS A 340 -8.07 0.42 -0.02
C LYS A 340 -7.93 1.42 1.13
N ASP A 341 -8.98 2.18 1.43
CA ASP A 341 -8.87 3.19 2.49
C ASP A 341 -8.72 2.56 3.87
N CYS A 342 -9.25 1.35 4.07
CA CYS A 342 -9.24 0.75 5.40
C CYS A 342 -7.82 0.34 5.80
N LEU A 343 -7.19 -0.52 5.02
CA LEU A 343 -5.82 -0.93 5.35
C LEU A 343 -4.81 0.18 5.11
N LYS A 344 -5.18 1.24 4.37
CA LYS A 344 -4.34 2.43 4.32
C LYS A 344 -4.23 3.06 5.70
N LEU A 345 -5.37 3.40 6.30
CA LEU A 345 -5.36 3.94 7.65
C LEU A 345 -4.81 2.93 8.65
N MET A 346 -5.01 1.64 8.38
CA MET A 346 -4.44 0.61 9.25
C MET A 346 -2.92 0.66 9.22
N LYS A 347 -2.34 0.74 8.02
CA LYS A 347 -0.89 0.86 7.91
C LYS A 347 -0.40 2.15 8.57
N TYR A 348 -1.17 3.23 8.44
CA TYR A 348 -0.81 4.46 9.15
C TYR A 348 -0.92 4.30 10.65
N LEU A 349 -1.88 3.49 11.11
CA LEU A 349 -2.01 3.23 12.54
C LEU A 349 -0.75 2.56 13.09
N LEU A 350 -0.31 1.48 12.44
CA LEU A 350 0.85 0.75 12.93
C LEU A 350 2.15 1.51 12.66
N GLU A 351 2.18 2.19 11.52
CA GLU A 351 3.35 2.96 11.18
C GLU A 351 3.50 4.03 12.21
N GLN A 352 2.38 4.65 12.58
CA GLN A 352 2.37 5.70 13.58
C GLN A 352 2.80 5.16 14.94
N LEU A 353 2.35 3.95 15.27
CA LEU A 353 2.72 3.34 16.55
C LEU A 353 4.15 2.95 16.68
N LYS A 354 4.73 2.40 15.62
CA LYS A 354 6.13 1.99 15.69
C LYS A 354 7.02 3.19 15.96
N GLU A 355 6.74 4.31 15.31
CA GLU A 355 7.50 5.52 15.56
C GLU A 355 7.30 5.97 17.00
N ARG A 356 6.08 5.86 17.49
CA ARG A 356 5.76 6.30 18.84
C ARG A 356 6.64 5.56 19.83
N PHE A 357 6.76 4.25 19.70
CA PHE A 357 7.63 3.52 20.59
C PHE A 357 9.00 3.45 19.96
N LYS A 358 9.77 4.50 20.12
CA LYS A 358 11.12 4.56 19.56
C LYS A 358 12.17 4.30 20.65
N ASP A 359 11.75 3.59 21.69
CA ASP A 359 12.59 3.25 22.82
C ASP A 359 13.34 1.96 22.64
N LYS A 360 13.26 1.38 21.43
CA LYS A 360 13.84 0.04 21.16
C LYS A 360 13.12 -0.98 22.06
N LYS A 361 11.80 -0.83 22.21
CA LYS A 361 10.97 -1.65 23.02
C LYS A 361 10.25 -2.62 22.16
N HIS A 362 9.14 -3.09 22.71
CA HIS A 362 8.24 -4.03 22.11
C HIS A 362 7.26 -3.36 21.15
N LEU A 363 6.38 -4.19 20.58
CA LEU A 363 5.35 -3.87 19.59
C LEU A 363 6.10 -3.74 18.28
N ASP A 364 7.40 -4.02 18.37
CA ASP A 364 8.28 -4.14 17.23
C ASP A 364 8.29 -5.46 16.47
N LYS A 365 9.02 -5.48 15.35
CA LYS A 365 9.38 -6.69 14.63
C LYS A 365 8.21 -7.35 13.90
N PHE A 366 7.11 -6.65 13.67
CA PHE A 366 6.07 -7.13 12.77
C PHE A 366 5.66 -6.00 11.83
N SER A 367 5.58 -6.31 10.54
CA SER A 367 5.47 -5.31 9.49
C SER A 367 4.01 -5.16 9.05
N SER A 368 3.79 -4.55 7.89
CA SER A 368 2.46 -4.37 7.33
C SER A 368 1.85 -5.67 6.82
N TYR A 369 2.66 -6.72 6.64
CA TYR A 369 2.13 -7.98 6.14
C TYR A 369 1.03 -8.53 7.03
N HIS A 370 1.15 -8.33 8.35
CA HIS A 370 0.09 -8.75 9.26
C HIS A 370 -1.16 -7.89 9.06
N VAL A 371 -0.98 -6.59 8.82
CA VAL A 371 -2.10 -5.72 8.52
C VAL A 371 -2.74 -6.12 7.20
N LYS A 372 -1.91 -6.33 6.17
CA LYS A 372 -2.43 -6.69 4.85
C LYS A 372 -3.11 -8.06 4.87
N THR A 373 -2.52 -9.03 5.58
CA THR A 373 -3.13 -10.35 5.66
C THR A 373 -4.43 -10.30 6.44
N ALA A 374 -4.48 -9.51 7.51
CA ALA A 374 -5.72 -9.37 8.27
C ALA A 374 -6.80 -8.73 7.42
N PHE A 375 -6.49 -7.61 6.76
CA PHE A 375 -7.43 -6.98 5.85
C PHE A 375 -7.86 -7.93 4.75
N PHE A 376 -7.00 -8.87 4.38
CA PHE A 376 -7.36 -9.88 3.37
C PHE A 376 -8.48 -10.77 3.87
N HIS A 377 -8.33 -11.31 5.08
CA HIS A 377 -9.39 -12.15 5.65
C HIS A 377 -10.66 -11.35 5.92
N VAL A 378 -10.53 -10.04 6.13
CA VAL A 378 -11.71 -9.19 6.30
C VAL A 378 -12.55 -9.19 5.02
N CYS A 379 -11.88 -8.99 3.88
CA CYS A 379 -12.60 -8.99 2.61
C CYS A 379 -13.14 -10.37 2.26
N THR A 380 -12.55 -11.44 2.80
CA THR A 380 -13.08 -12.78 2.57
C THR A 380 -14.45 -12.94 3.21
N GLN A 381 -14.54 -12.68 4.52
CA GLN A 381 -15.81 -12.81 5.21
C GLN A 381 -16.80 -11.73 4.81
N ASN A 382 -16.34 -10.66 4.17
CA ASN A 382 -17.22 -9.62 3.64
C ASN A 382 -17.13 -9.64 2.12
N PRO A 383 -17.79 -10.58 1.45
CA PRO A 383 -17.59 -10.73 0.01
C PRO A 383 -18.61 -9.98 -0.82
N GLN A 384 -19.17 -8.88 -0.31
CA GLN A 384 -20.18 -8.13 -1.02
C GLN A 384 -19.77 -6.67 -1.12
N ASP A 385 -20.07 -6.05 -2.26
CA ASP A 385 -19.80 -4.62 -2.42
C ASP A 385 -20.67 -3.78 -1.49
N SER A 386 -21.89 -4.25 -1.19
CA SER A 386 -22.78 -3.51 -0.30
C SER A 386 -22.14 -3.30 1.07
N GLN A 387 -21.42 -4.31 1.56
CA GLN A 387 -20.76 -4.18 2.86
C GLN A 387 -19.67 -3.12 2.83
N TRP A 388 -19.05 -2.90 1.67
CA TRP A 388 -17.98 -1.93 1.53
C TRP A 388 -18.45 -0.66 0.84
N ASP A 389 -19.55 -0.10 1.32
CA ASP A 389 -20.01 1.19 0.83
C ASP A 389 -19.10 2.30 1.33
N ARG A 390 -18.96 3.35 0.53
CA ARG A 390 -18.05 4.43 0.87
C ARG A 390 -18.56 5.25 2.05
N LYS A 391 -19.87 5.44 2.13
CA LYS A 391 -20.44 6.25 3.22
C LYS A 391 -20.09 5.65 4.58
N ASP A 392 -20.18 4.33 4.71
CA ASP A 392 -19.83 3.66 5.96
C ASP A 392 -18.32 3.49 6.07
N LEU A 393 -17.58 4.58 5.92
CA LEU A 393 -16.13 4.53 6.01
C LEU A 393 -15.69 4.12 7.41
N GLY A 394 -16.24 4.79 8.44
CA GLY A 394 -15.94 4.42 9.80
C GLY A 394 -16.49 3.07 10.21
N LEU A 395 -17.52 2.59 9.53
CA LEU A 395 -18.10 1.29 9.83
C LEU A 395 -17.24 0.15 9.28
N CYS A 396 -16.87 0.25 7.99
CA CYS A 396 -16.02 -0.78 7.40
C CYS A 396 -14.64 -0.79 8.05
N PHE A 397 -14.11 0.39 8.38
CA PHE A 397 -12.92 0.46 9.22
C PHE A 397 -13.14 -0.29 10.53
N ASP A 398 -14.21 0.05 11.24
CA ASP A 398 -14.50 -0.59 12.52
C ASP A 398 -14.62 -2.09 12.37
N ASN A 399 -15.23 -2.56 11.27
CA ASN A 399 -15.30 -3.99 11.02
C ASN A 399 -13.91 -4.57 10.77
N CYS A 400 -13.04 -3.81 10.10
CA CYS A 400 -11.68 -4.28 9.88
C CYS A 400 -10.89 -4.27 11.17
N VAL A 401 -11.09 -3.26 12.02
CA VAL A 401 -10.52 -3.29 13.36
C VAL A 401 -11.05 -4.51 14.11
N THR A 402 -12.37 -4.71 14.08
CA THR A 402 -13.00 -5.81 14.79
C THR A 402 -12.36 -7.14 14.44
N TYR A 403 -12.08 -7.39 13.16
CA TYR A 403 -11.44 -8.64 12.78
C TYR A 403 -9.98 -8.66 13.19
N PHE A 404 -9.28 -7.53 13.07
CA PHE A 404 -7.92 -7.44 13.58
C PHE A 404 -7.92 -7.61 15.10
N LEU A 405 -8.84 -6.92 15.79
CA LEU A 405 -8.99 -7.12 17.23
C LEU A 405 -9.22 -8.59 17.54
N GLN A 406 -10.13 -9.24 16.79
CA GLN A 406 -10.41 -10.65 17.04
C GLN A 406 -9.22 -11.52 16.65
N CYS A 407 -8.57 -11.21 15.53
CA CYS A 407 -7.33 -11.90 15.18
C CYS A 407 -6.31 -11.77 16.31
N LEU A 408 -6.21 -10.56 16.89
CA LEU A 408 -5.41 -10.40 18.09
C LEU A 408 -6.01 -11.16 19.26
N ARG A 409 -7.32 -10.97 19.49
CA ARG A 409 -7.98 -11.62 20.62
C ARG A 409 -7.89 -13.13 20.52
N THR A 410 -7.95 -13.68 19.31
CA THR A 410 -7.79 -15.11 19.12
C THR A 410 -6.32 -15.53 19.03
N GLU A 411 -5.42 -14.57 18.80
CA GLU A 411 -3.98 -14.83 18.70
C GLU A 411 -3.68 -15.88 17.63
N LYS A 412 -4.30 -15.70 16.46
CA LYS A 412 -3.97 -16.55 15.31
C LYS A 412 -4.34 -15.81 14.03
N LEU A 413 -3.34 -15.55 13.19
CA LEU A 413 -3.56 -14.99 11.85
C LEU A 413 -2.79 -15.86 10.88
N GLU A 414 -3.50 -16.69 10.13
CA GLU A 414 -2.86 -17.58 9.17
C GLU A 414 -2.54 -16.83 7.88
N ASN A 415 -1.45 -17.23 7.24
CA ASN A 415 -1.13 -16.71 5.92
C ASN A 415 -2.30 -16.95 4.98
N TYR A 416 -2.57 -15.97 4.11
CA TYR A 416 -3.70 -16.10 3.21
C TYR A 416 -3.51 -17.27 2.26
N PHE A 417 -2.34 -17.36 1.64
CA PHE A 417 -2.07 -18.41 0.68
C PHE A 417 -1.73 -19.73 1.35
N ILE A 418 -1.15 -19.69 2.54
CA ILE A 418 -0.75 -20.88 3.29
C ILE A 418 -1.55 -20.93 4.58
N PRO A 419 -2.57 -21.78 4.68
CA PRO A 419 -3.43 -21.81 5.86
C PRO A 419 -2.74 -22.27 7.14
N GLU A 420 -1.98 -23.37 7.07
CA GLU A 420 -1.32 -23.88 8.28
C GLU A 420 -0.37 -22.85 8.86
N PHE A 421 0.35 -22.13 8.01
CA PHE A 421 1.30 -21.12 8.47
C PHE A 421 0.57 -20.03 9.24
N ASN A 422 0.97 -19.81 10.48
CA ASN A 422 0.33 -18.84 11.36
C ASN A 422 1.29 -17.68 11.58
N LEU A 423 0.92 -16.49 11.11
CA LEU A 423 1.74 -15.31 11.35
C LEU A 423 1.60 -14.80 12.78
N PHE A 424 0.56 -15.20 13.50
CA PHE A 424 0.44 -14.92 14.92
C PHE A 424 0.67 -16.18 15.76
N SER A 425 1.56 -17.06 15.30
CA SER A 425 1.89 -18.25 16.07
C SER A 425 2.68 -17.86 17.31
N SER A 426 2.57 -18.69 18.35
CA SER A 426 3.25 -18.41 19.61
C SER A 426 4.76 -18.30 19.42
N ASN A 427 5.33 -19.08 18.50
CA ASN A 427 6.75 -18.94 18.19
C ASN A 427 7.06 -17.58 17.60
N LEU A 428 6.20 -17.10 16.70
CA LEU A 428 6.48 -15.83 16.02
C LEU A 428 6.40 -14.67 17.01
N ILE A 429 5.29 -14.54 17.73
CA ILE A 429 5.05 -13.42 18.62
C ILE A 429 4.53 -13.93 19.96
N ASP A 430 5.07 -13.38 21.05
CA ASP A 430 4.55 -13.68 22.37
C ASP A 430 3.13 -13.14 22.51
N LYS A 431 2.35 -13.76 23.39
CA LYS A 431 0.99 -13.32 23.62
C LYS A 431 0.92 -11.95 24.26
N ARG A 432 2.02 -11.49 24.87
CA ARG A 432 2.03 -10.19 25.53
C ARG A 432 2.01 -9.05 24.51
N SER A 433 2.68 -9.23 23.38
CA SER A 433 2.66 -8.20 22.35
C SER A 433 1.26 -8.04 21.78
N LYS A 434 0.50 -9.14 21.68
CA LYS A 434 -0.91 -9.04 21.37
C LYS A 434 -1.67 -8.33 22.48
N GLU A 435 -1.33 -8.64 23.74
CA GLU A 435 -1.86 -7.86 24.86
C GLU A 435 -1.40 -6.41 24.76
N PHE A 436 -0.12 -6.21 24.44
CA PHE A 436 0.38 -4.87 24.18
C PHE A 436 -0.42 -4.18 23.09
N LEU A 437 -0.55 -4.82 21.93
CA LEU A 437 -1.21 -4.21 20.78
C LEU A 437 -2.69 -3.96 21.06
N THR A 438 -3.40 -4.97 21.58
CA THR A 438 -4.82 -4.81 21.84
C THR A 438 -5.08 -3.73 22.89
N LYS A 439 -4.17 -3.56 23.85
CA LYS A 439 -4.31 -2.48 24.83
C LYS A 439 -4.40 -1.12 24.15
N GLN A 440 -3.48 -0.85 23.22
CA GLN A 440 -3.45 0.43 22.52
C GLN A 440 -4.73 0.63 21.74
N ILE A 441 -4.93 -0.19 20.71
CA ILE A 441 -6.00 0.03 19.72
C ILE A 441 -7.33 0.27 20.40
N GLU A 442 -7.69 -0.59 21.37
CA GLU A 442 -8.96 -0.43 22.06
C GLU A 442 -9.07 0.94 22.70
N TYR A 443 -8.00 1.40 23.35
CA TYR A 443 -7.94 2.79 23.81
C TYR A 443 -8.06 3.75 22.62
N GLU A 444 -7.23 3.54 21.59
CA GLU A 444 -7.25 4.44 20.44
C GLU A 444 -8.60 4.41 19.73
N ARG A 445 -9.26 3.26 19.68
CA ARG A 445 -10.52 3.16 18.93
C ARG A 445 -11.62 3.95 19.62
N ASN A 446 -11.80 3.76 20.93
CA ASN A 446 -12.83 4.50 21.64
C ASN A 446 -12.51 5.99 21.69
N ASN A 447 -11.23 6.33 21.83
CA ASN A 447 -10.79 7.72 21.90
C ASN A 447 -10.33 8.25 20.55
N GLU A 448 -10.74 7.61 19.46
CA GLU A 448 -10.63 8.16 18.10
C GLU A 448 -9.18 8.29 17.64
N PHE A 449 -8.34 7.31 17.99
CA PHE A 449 -6.97 7.21 17.50
C PHE A 449 -6.23 8.56 17.60
N PRO A 450 -5.91 9.01 18.81
CA PRO A 450 -5.33 10.36 18.96
C PRO A 450 -3.96 10.52 18.31
N VAL A 451 -3.29 9.43 17.94
CA VAL A 451 -1.96 9.54 17.33
C VAL A 451 -2.01 10.06 15.89
N PHE A 452 -3.20 10.11 15.29
CA PHE A 452 -3.29 10.60 13.92
C PHE A 452 -2.88 12.06 13.82
N ASP A 453 -3.35 12.89 14.74
CA ASP A 453 -3.01 14.31 14.75
C ASP A 453 -1.99 14.60 15.84
N LYS B 7 -27.19 30.18 6.13
CA LYS B 7 -27.21 31.07 4.98
C LYS B 7 -25.82 31.62 4.71
N ARG B 8 -25.35 31.46 3.48
CA ARG B 8 -24.05 31.99 3.09
C ARG B 8 -24.06 33.52 3.20
N PRO B 9 -22.99 34.13 3.69
CA PRO B 9 -22.99 35.58 3.90
C PRO B 9 -23.29 36.35 2.62
N MET B 10 -23.69 37.60 2.82
CA MET B 10 -24.10 38.48 1.72
C MET B 10 -22.87 39.09 1.07
N ASN B 11 -22.61 38.74 -0.19
CA ASN B 11 -21.53 39.38 -0.92
C ASN B 11 -21.89 40.84 -1.19
N ALA B 12 -20.87 41.62 -1.59
CA ALA B 12 -21.03 43.07 -1.69
C ALA B 12 -22.15 43.46 -2.64
N PHE B 13 -22.49 42.59 -3.60
CA PHE B 13 -23.58 42.93 -4.52
C PHE B 13 -24.94 42.83 -3.84
N ILE B 14 -25.14 41.80 -3.00
CA ILE B 14 -26.43 41.62 -2.35
C ILE B 14 -26.64 42.68 -1.27
N VAL B 15 -25.59 42.99 -0.50
CA VAL B 15 -25.68 44.07 0.48
C VAL B 15 -26.10 45.37 -0.19
N TRP B 16 -25.62 45.60 -1.42
CA TRP B 16 -25.99 46.80 -2.15
C TRP B 16 -27.32 46.65 -2.88
N SER B 17 -27.72 45.42 -3.19
CA SER B 17 -28.93 45.19 -3.97
C SER B 17 -30.19 45.18 -3.14
N ARG B 18 -30.09 44.96 -1.83
CA ARG B 18 -31.29 44.88 -1.00
C ARG B 18 -31.92 46.26 -0.82
N ASP B 19 -31.11 47.31 -0.71
CA ASP B 19 -31.63 48.65 -0.52
C ASP B 19 -32.09 49.26 -1.84
N GLN B 20 -31.34 49.05 -2.91
CA GLN B 20 -31.62 49.74 -4.16
C GLN B 20 -32.88 49.20 -4.83
N ARG B 21 -33.12 47.90 -4.73
CA ARG B 21 -34.34 47.33 -5.31
C ARG B 21 -35.58 47.90 -4.66
N ARG B 22 -35.54 48.08 -3.34
CA ARG B 22 -36.67 48.71 -2.63
C ARG B 22 -36.85 50.15 -3.08
N LYS B 23 -35.81 50.96 -2.95
CA LYS B 23 -35.89 52.38 -3.29
C LYS B 23 -36.09 52.61 -4.78
N MET B 24 -36.04 51.57 -5.61
CA MET B 24 -36.40 51.68 -7.01
C MET B 24 -37.85 51.28 -7.25
N ALA B 25 -38.24 50.12 -6.72
CA ALA B 25 -39.61 49.63 -6.90
C ALA B 25 -40.64 50.58 -6.29
N LEU B 26 -40.24 51.42 -5.33
CA LEU B 26 -41.15 52.45 -4.84
C LEU B 26 -41.37 53.53 -5.89
N GLU B 27 -40.29 54.09 -6.41
CA GLU B 27 -40.41 55.14 -7.42
C GLU B 27 -40.82 54.58 -8.78
N ASN B 28 -40.35 53.36 -9.12
CA ASN B 28 -40.67 52.76 -10.40
C ASN B 28 -41.98 51.98 -10.33
N PRO B 29 -42.72 51.90 -11.46
CA PRO B 29 -43.98 51.16 -11.45
C PRO B 29 -43.88 49.77 -12.04
N ARG B 30 -42.68 49.17 -12.03
CA ARG B 30 -42.48 47.85 -12.61
C ARG B 30 -42.84 46.78 -11.57
N MET B 31 -43.89 46.01 -11.85
CA MET B 31 -44.31 44.98 -10.91
C MET B 31 -43.34 43.79 -10.94
N ARG B 32 -42.82 43.45 -12.12
CA ARG B 32 -41.89 42.35 -12.23
C ARG B 32 -40.55 42.71 -11.60
N ASN B 33 -39.99 41.75 -10.85
CA ASN B 33 -38.64 41.91 -10.32
C ASN B 33 -37.57 41.52 -11.33
N SER B 34 -37.95 40.85 -12.43
CA SER B 34 -36.98 40.49 -13.45
C SER B 34 -36.41 41.72 -14.13
N GLU B 35 -37.26 42.70 -14.46
CA GLU B 35 -36.77 43.93 -15.08
C GLU B 35 -36.00 44.77 -14.08
N ILE B 36 -36.46 44.83 -12.83
CA ILE B 36 -35.79 45.65 -11.82
C ILE B 36 -34.40 45.12 -11.53
N SER B 37 -34.24 43.79 -11.47
CA SER B 37 -32.93 43.21 -11.24
C SER B 37 -31.99 43.47 -12.41
N LYS B 38 -32.52 43.48 -13.64
CA LYS B 38 -31.70 43.83 -14.79
C LYS B 38 -31.16 45.25 -14.67
N GLN B 39 -31.96 46.16 -14.10
CA GLN B 39 -31.51 47.53 -13.93
C GLN B 39 -30.49 47.66 -12.80
N LEU B 40 -30.61 46.81 -11.78
CA LEU B 40 -29.65 46.85 -10.68
C LEU B 40 -28.29 46.36 -11.12
N GLY B 41 -28.24 45.25 -11.86
CA GLY B 41 -26.99 44.81 -12.45
C GLY B 41 -26.41 45.83 -13.42
N TYR B 42 -27.29 46.54 -14.13
CA TYR B 42 -26.83 47.66 -14.95
C TYR B 42 -26.18 48.74 -14.11
N GLN B 43 -26.75 49.00 -12.93
CA GLN B 43 -26.24 50.07 -12.08
C GLN B 43 -24.98 49.65 -11.34
N TRP B 44 -24.93 48.40 -10.85
CA TRP B 44 -23.74 47.92 -10.15
C TRP B 44 -22.54 47.82 -11.08
N LYS B 45 -22.78 47.52 -12.36
CA LYS B 45 -21.70 47.45 -13.35
C LYS B 45 -21.20 48.82 -13.78
N MET B 46 -21.73 49.90 -13.20
CA MET B 46 -21.39 51.26 -13.60
C MET B 46 -20.88 52.10 -12.45
N LEU B 47 -20.69 51.53 -11.26
CA LEU B 47 -20.19 52.26 -10.11
C LEU B 47 -18.68 52.21 -10.07
N THR B 48 -18.08 53.24 -9.49
CA THR B 48 -16.63 53.29 -9.37
C THR B 48 -16.16 52.34 -8.26
N GLU B 49 -14.89 51.94 -8.36
CA GLU B 49 -14.34 51.01 -7.38
C GLU B 49 -14.34 51.60 -5.97
N ALA B 50 -14.22 52.92 -5.87
CA ALA B 50 -14.35 53.57 -4.56
C ALA B 50 -15.80 53.56 -4.08
N GLU B 51 -16.76 53.68 -4.99
CA GLU B 51 -18.16 53.58 -4.65
C GLU B 51 -18.58 52.17 -4.22
N LYS B 52 -17.74 51.17 -4.48
CA LYS B 52 -18.06 49.79 -4.16
C LYS B 52 -17.19 49.22 -3.04
N TRP B 53 -16.10 49.90 -2.67
CA TRP B 53 -15.19 49.37 -1.64
C TRP B 53 -15.87 49.20 -0.28
N PRO B 54 -16.62 50.17 0.25
CA PRO B 54 -17.26 49.94 1.56
C PRO B 54 -18.19 48.74 1.58
N PHE B 55 -18.81 48.42 0.44
CA PHE B 55 -19.65 47.22 0.38
C PHE B 55 -18.80 45.96 0.46
N PHE B 56 -17.58 45.99 -0.08
CA PHE B 56 -16.67 44.87 0.11
C PHE B 56 -16.25 44.75 1.58
N GLN B 57 -15.99 45.88 2.22
CA GLN B 57 -15.65 45.86 3.65
C GLN B 57 -16.80 45.27 4.47
N GLU B 58 -18.04 45.59 4.09
CA GLU B 58 -19.19 45.08 4.83
C GLU B 58 -19.33 43.57 4.66
N ALA B 59 -19.14 43.07 3.42
CA ALA B 59 -19.22 41.64 3.19
C ALA B 59 -18.10 40.90 3.92
N GLN B 60 -16.94 41.52 4.08
CA GLN B 60 -15.86 40.91 4.85
C GLN B 60 -16.24 40.81 6.33
N LYS B 61 -16.90 41.84 6.86
CA LYS B 61 -17.38 41.79 8.23
C LYS B 61 -18.55 40.83 8.39
N LEU B 62 -19.28 40.55 7.31
CA LEU B 62 -20.36 39.56 7.37
C LEU B 62 -19.79 38.16 7.57
N GLN B 63 -18.86 37.76 6.70
CA GLN B 63 -18.19 36.47 6.87
C GLN B 63 -17.26 36.45 8.07
N ALA B 64 -16.95 37.61 8.66
CA ALA B 64 -16.09 37.62 9.83
C ALA B 64 -16.75 36.93 11.02
N MET B 65 -18.06 37.03 11.15
CA MET B 65 -18.81 36.40 12.23
C MET B 65 -19.73 35.29 11.75
N HIS B 66 -19.59 34.86 10.49
CA HIS B 66 -20.27 33.68 9.99
C HIS B 66 -19.32 32.53 9.66
N ARG B 67 -18.05 32.83 9.40
CA ARG B 67 -17.06 31.81 9.09
C ARG B 67 -16.37 31.25 10.32
N GLU B 68 -16.13 32.10 11.32
CA GLU B 68 -15.48 31.67 12.56
C GLU B 68 -16.47 31.44 13.68
N LYS B 69 -17.78 31.55 13.42
CA LYS B 69 -18.80 31.16 14.36
C LYS B 69 -19.64 29.99 13.88
N TYR B 70 -19.55 29.64 12.60
CA TYR B 70 -20.28 28.50 12.03
C TYR B 70 -19.34 27.74 11.11
N PRO B 71 -18.81 26.55 11.56
CA PRO B 71 -17.84 25.79 10.75
C PRO B 71 -18.51 24.93 9.68
N ASN B 72 -19.27 25.58 8.80
CA ASN B 72 -19.96 24.88 7.72
C ASN B 72 -19.97 25.76 6.48
N TYR B 73 -19.72 25.13 5.33
CA TYR B 73 -19.70 25.84 4.05
C TYR B 73 -19.91 24.88 2.89
ZN ZN E . -13.54 -0.37 -5.10
#